data_4MPH
#
_entry.id   4MPH
#
_cell.length_a   76.831
_cell.length_b   112.337
_cell.length_c   125.666
_cell.angle_alpha   90.00
_cell.angle_beta   90.00
_cell.angle_gamma   90.00
#
_symmetry.space_group_name_H-M   'I 2 2 2'
#
loop_
_entity.id
_entity.type
_entity.pdbx_description
1 polymer 'D-alanyl-D-alanine carboxypeptidase family protein'
2 non-polymer 'ZINC ION'
3 non-polymer 'CHLORIDE ION'
4 non-polymer 3,6,9,12,15,18,21,24,27,30,33,36,39-TRIDECAOXAHENTETRACONTANE-1,41-DIOL
5 water water
#
_entity_poly.entity_id   1
_entity_poly.type   'polypeptide(L)'
_entity_poly.pdbx_seq_one_letter_code
;SNAASSFASVQAVVNKEYGLPEDYKPEDLVVPNVPFSFSGTLEKSYLRKEAAEALERLFDLANKEGIQLNAVSGFRSYDY
QKKLYANNVKRKGQEHTDRFSAKPGHSEHQTGLTMDVSSKSANNELELTFANTKEGKWLKENAHRAGFIIRYPKGKESIT
GYAYEPWHIRYVGDIAESIYKKKLTLEEYMNL
;
_entity_poly.pdbx_strand_id   A,B
#
loop_
_chem_comp.id
_chem_comp.type
_chem_comp.name
_chem_comp.formula
CL non-polymer 'CHLORIDE ION' 'Cl -1'
PE3 non-polymer 3,6,9,12,15,18,21,24,27,30,33,36,39-TRIDECAOXAHENTETRACONTANE-1,41-DIOL 'C28 H58 O15'
ZN non-polymer 'ZINC ION' 'Zn 2'
#
# COMPACT_ATOMS: atom_id res chain seq x y z
N ALA A 4 29.08 18.46 1.33
CA ALA A 4 28.86 18.31 -0.10
C ALA A 4 29.85 17.33 -0.73
N SER A 5 29.46 16.06 -0.76
CA SER A 5 30.26 14.99 -1.34
C SER A 5 29.55 14.41 -2.56
N SER A 6 30.14 13.37 -3.15
CA SER A 6 29.64 12.76 -4.38
C SER A 6 28.23 12.16 -4.24
N PHE A 7 27.99 11.46 -3.13
CA PHE A 7 26.69 10.83 -2.93
C PHE A 7 25.63 11.82 -2.46
N ALA A 8 26.05 13.00 -2.02
CA ALA A 8 25.09 14.06 -1.68
C ALA A 8 24.75 14.92 -2.89
N SER A 9 25.36 14.63 -4.03
CA SER A 9 25.04 15.36 -5.26
C SER A 9 23.60 15.13 -5.66
N VAL A 10 22.97 16.19 -6.15
CA VAL A 10 21.62 16.11 -6.72
C VAL A 10 21.61 15.17 -7.92
N GLN A 11 22.78 14.98 -8.55
CA GLN A 11 22.88 14.06 -9.68
C GLN A 11 23.43 12.68 -9.31
N ALA A 12 23.53 12.39 -8.01
CA ALA A 12 24.10 11.11 -7.56
C ALA A 12 23.35 9.88 -8.11
N VAL A 13 24.11 8.85 -8.47
CA VAL A 13 23.50 7.59 -8.88
C VAL A 13 23.51 6.59 -7.73
N VAL A 14 22.32 6.17 -7.30
CA VAL A 14 22.19 5.11 -6.31
C VAL A 14 21.38 3.99 -6.93
N ASN A 15 21.99 2.81 -7.04
CA ASN A 15 21.30 1.64 -7.61
C ASN A 15 21.90 0.37 -7.02
N LYS A 16 21.62 -0.79 -7.62
CA LYS A 16 22.11 -2.06 -7.09
C LYS A 16 23.62 -2.06 -7.02
N GLU A 17 24.26 -1.47 -8.02
CA GLU A 17 25.72 -1.44 -8.07
C GLU A 17 26.29 -0.39 -7.12
N TYR A 18 25.74 0.82 -7.19
CA TYR A 18 26.28 1.93 -6.41
C TYR A 18 25.40 2.28 -5.22
N GLY A 19 25.94 2.07 -4.01
CA GLY A 19 25.16 2.30 -2.80
C GLY A 19 25.59 3.55 -2.03
N LEU A 20 24.83 3.86 -0.98
CA LEU A 20 25.13 4.99 -0.11
C LEU A 20 25.86 4.53 1.13
N PRO A 21 26.52 5.48 1.84
CA PRO A 21 27.02 5.19 3.19
C PRO A 21 25.86 4.76 4.08
N GLU A 22 26.09 3.88 5.04
CA GLU A 22 24.98 3.34 5.83
C GLU A 22 24.40 4.34 6.83
N ASP A 23 25.22 5.30 7.25
CA ASP A 23 24.72 6.37 8.09
C ASP A 23 24.08 7.52 7.29
N TYR A 24 23.99 7.39 5.97
CA TYR A 24 23.61 8.55 5.17
C TYR A 24 22.16 9.01 5.33
N LYS A 25 22.03 10.22 5.85
CA LYS A 25 20.76 10.92 5.94
C LYS A 25 21.02 12.36 5.53
N PRO A 26 20.26 12.88 4.56
CA PRO A 26 20.42 14.28 4.17
C PRO A 26 20.15 15.20 5.36
N GLU A 27 20.81 16.36 5.42
CA GLU A 27 20.67 17.23 6.58
C GLU A 27 19.71 18.40 6.34
N ASP A 28 19.12 18.42 5.15
CA ASP A 28 18.23 19.50 4.77
C ASP A 28 16.84 18.97 4.44
N LEU A 29 16.38 17.97 5.18
CA LEU A 29 15.07 17.38 4.90
C LEU A 29 13.95 18.35 5.33
N VAL A 30 12.93 18.46 4.49
CA VAL A 30 11.76 19.29 4.80
C VAL A 30 10.54 18.58 4.21
N VAL A 31 9.34 18.90 4.71
CA VAL A 31 8.14 18.34 4.12
C VAL A 31 7.59 19.30 3.05
N PRO A 32 7.46 18.83 1.81
CA PRO A 32 6.90 19.73 0.80
C PRO A 32 5.43 20.08 1.08
N ASN A 33 5.05 21.32 0.77
CA ASN A 33 3.67 21.77 0.94
C ASN A 33 2.75 21.26 -0.19
N VAL A 34 2.48 19.95 -0.18
CA VAL A 34 1.65 19.32 -1.21
C VAL A 34 0.68 18.35 -0.53
N PRO A 35 -0.41 17.96 -1.21
CA PRO A 35 -1.29 16.91 -0.65
C PRO A 35 -0.58 15.57 -0.60
N PHE A 36 -0.81 14.82 0.48
CA PHE A 36 -0.27 13.48 0.66
C PHE A 36 -1.39 12.46 0.71
N SER A 37 -1.05 11.18 0.51
CA SER A 37 -2.05 10.10 0.51
C SER A 37 -2.32 9.56 1.91
N PHE A 38 -1.61 10.11 2.89
CA PHE A 38 -1.85 9.76 4.30
C PHE A 38 -1.82 11.06 5.11
N SER A 39 -2.46 11.06 6.27
CA SER A 39 -2.47 12.23 7.13
C SER A 39 -1.35 12.14 8.16
N GLY A 40 -0.91 13.29 8.67
CA GLY A 40 0.11 13.34 9.71
C GLY A 40 1.49 13.48 9.13
N THR A 41 2.49 13.51 10.01
CA THR A 41 3.88 13.67 9.60
C THR A 41 4.69 12.42 9.93
N LEU A 42 5.33 11.86 8.90
CA LEU A 42 6.11 10.64 9.05
C LEU A 42 7.43 10.90 8.36
N GLU A 43 8.43 10.05 8.56
CA GLU A 43 9.71 10.26 7.87
C GLU A 43 9.53 10.27 6.36
N LYS A 44 8.57 9.50 5.84
CA LYS A 44 8.33 9.45 4.39
C LYS A 44 7.68 10.72 3.83
N SER A 45 7.32 11.64 4.73
CA SER A 45 6.81 12.94 4.32
C SER A 45 7.90 13.85 3.76
N TYR A 46 9.16 13.54 4.05
CA TYR A 46 10.26 14.50 3.80
C TYR A 46 10.99 14.32 2.47
N LEU A 47 11.50 15.43 1.93
CA LEU A 47 12.44 15.40 0.82
C LEU A 47 13.53 16.40 1.16
N ARG A 48 14.68 16.29 0.51
CA ARG A 48 15.68 17.35 0.61
C ARG A 48 15.06 18.63 0.07
N LYS A 49 15.44 19.75 0.69
CA LYS A 49 14.83 21.05 0.43
C LYS A 49 14.68 21.39 -1.07
N GLU A 50 15.75 21.22 -1.84
CA GLU A 50 15.67 21.52 -3.27
C GLU A 50 14.65 20.63 -3.96
N ALA A 51 14.56 19.37 -3.57
CA ALA A 51 13.60 18.47 -4.21
C ALA A 51 12.17 18.76 -3.75
N ALA A 52 12.01 19.17 -2.48
CA ALA A 52 10.68 19.50 -1.95
C ALA A 52 10.09 20.73 -2.65
N GLU A 53 10.93 21.73 -2.86
CA GLU A 53 10.50 22.92 -3.59
CA GLU A 53 10.52 22.92 -3.60
C GLU A 53 10.15 22.56 -5.04
N ALA A 54 10.91 21.66 -5.64
CA ALA A 54 10.61 21.24 -7.01
C ALA A 54 9.30 20.44 -7.07
N LEU A 55 9.04 19.64 -6.03
CA LEU A 55 7.80 18.86 -6.00
C LEU A 55 6.60 19.80 -5.92
N GLU A 56 6.71 20.85 -5.11
CA GLU A 56 5.65 21.85 -5.00
C GLU A 56 5.39 22.50 -6.35
N ARG A 57 6.46 22.80 -7.08
CA ARG A 57 6.34 23.39 -8.41
C ARG A 57 5.65 22.41 -9.35
N LEU A 58 6.10 21.15 -9.32
CA LEU A 58 5.49 20.14 -10.17
C LEU A 58 3.98 20.02 -9.91
N PHE A 59 3.58 19.97 -8.64
CA PHE A 59 2.15 19.81 -8.34
C PHE A 59 1.35 21.04 -8.78
N ASP A 60 1.95 22.23 -8.67
CA ASP A 60 1.33 23.44 -9.20
C ASP A 60 1.12 23.39 -10.70
N LEU A 61 2.15 22.97 -11.42
CA LEU A 61 2.05 22.87 -12.87
C LEU A 61 0.98 21.85 -13.26
N ALA A 62 0.86 20.79 -12.46
CA ALA A 62 -0.14 19.75 -12.75
C ALA A 62 -1.54 20.34 -12.56
N ASN A 63 -1.73 21.01 -11.43
CA ASN A 63 -3.00 21.67 -11.14
C ASN A 63 -3.50 22.62 -12.22
N LYS A 64 -2.59 23.34 -12.86
CA LYS A 64 -2.97 24.28 -13.92
C LYS A 64 -3.63 23.57 -15.08
N GLU A 65 -3.32 22.28 -15.23
CA GLU A 65 -3.88 21.50 -16.32
C GLU A 65 -4.93 20.49 -15.82
N GLY A 66 -5.47 20.72 -14.63
CA GLY A 66 -6.51 19.88 -14.09
C GLY A 66 -6.04 18.50 -13.63
N ILE A 67 -4.77 18.42 -13.28
CA ILE A 67 -4.18 17.15 -12.86
C ILE A 67 -3.90 17.23 -11.36
N GLN A 68 -4.51 16.34 -10.58
CA GLN A 68 -4.31 16.31 -9.13
C GLN A 68 -3.42 15.15 -8.71
N LEU A 69 -2.19 15.46 -8.31
CA LEU A 69 -1.25 14.44 -7.86
C LEU A 69 -1.23 14.41 -6.34
N ASN A 70 -0.95 13.25 -5.77
CA ASN A 70 -0.74 13.11 -4.32
C ASN A 70 0.61 12.48 -4.06
N ALA A 71 1.32 13.01 -3.07
CA ALA A 71 2.60 12.46 -2.68
C ALA A 71 2.35 11.26 -1.78
N VAL A 72 3.08 10.16 -2.01
CA VAL A 72 2.84 8.92 -1.29
C VAL A 72 3.98 8.54 -0.35
N SER A 73 5.21 8.67 -0.82
CA SER A 73 6.37 8.25 -0.02
CA SER A 73 6.36 8.29 0.01
C SER A 73 7.68 8.84 -0.52
N GLY A 74 8.34 9.60 0.34
CA GLY A 74 9.61 10.23 0.01
C GLY A 74 10.78 9.57 0.72
N PHE A 75 11.37 10.29 1.68
CA PHE A 75 12.56 9.79 2.36
C PHE A 75 12.30 8.46 3.06
N ARG A 76 13.25 7.55 2.90
CA ARG A 76 13.21 6.30 3.65
C ARG A 76 14.63 5.98 4.08
N SER A 77 14.81 5.78 5.37
CA SER A 77 16.14 5.61 5.92
C SER A 77 16.73 4.23 5.58
N TYR A 78 18.04 4.12 5.77
CA TYR A 78 18.74 2.85 5.69
C TYR A 78 18.06 1.78 6.53
N ASP A 79 17.74 2.11 7.78
CA ASP A 79 17.14 1.15 8.70
C ASP A 79 15.80 0.62 8.19
N TYR A 80 14.99 1.53 7.63
CA TYR A 80 13.71 1.14 7.06
CA TYR A 80 13.71 1.12 7.07
C TYR A 80 13.91 0.14 5.93
N GLN A 81 14.85 0.44 5.06
CA GLN A 81 15.12 -0.40 3.90
C GLN A 81 15.57 -1.78 4.32
N LYS A 82 16.34 -1.85 5.41
CA LYS A 82 16.80 -3.12 5.95
C LYS A 82 15.63 -4.03 6.31
N LYS A 83 14.66 -3.48 7.02
CA LYS A 83 13.50 -4.24 7.45
C LYS A 83 12.65 -4.66 6.25
N LEU A 84 12.59 -3.78 5.27
CA LEU A 84 11.80 -4.01 4.06
C LEU A 84 12.41 -5.13 3.21
N TYR A 85 13.73 -5.15 3.16
CA TYR A 85 14.47 -6.15 2.39
C TYR A 85 14.27 -7.53 2.99
N ALA A 86 14.20 -7.59 4.32
CA ALA A 86 13.93 -8.83 5.02
C ALA A 86 12.52 -9.35 4.74
N ASN A 87 11.55 -8.43 4.79
CA ASN A 87 10.14 -8.76 4.56
C ASN A 87 9.88 -9.34 3.16
N ASN A 88 10.85 -9.21 2.27
CA ASN A 88 10.75 -9.74 0.91
C ASN A 88 11.86 -10.76 0.58
N VAL A 89 12.70 -11.03 1.57
CA VAL A 89 13.73 -12.06 1.45
C VAL A 89 13.11 -13.41 1.81
N LYS A 90 11.83 -13.37 2.15
CA LYS A 90 11.09 -14.56 2.57
C LYS A 90 10.21 -15.10 1.43
N ARG A 99 9.03 -4.69 -8.14
CA ARG A 99 10.19 -4.99 -7.33
C ARG A 99 10.64 -3.81 -6.47
N PHE A 100 10.98 -4.11 -5.23
CA PHE A 100 11.48 -3.13 -4.28
C PHE A 100 12.41 -3.89 -3.34
N SER A 101 13.02 -4.92 -3.89
CA SER A 101 14.01 -5.73 -3.20
C SER A 101 15.40 -5.10 -3.29
N ALA A 102 15.47 -3.80 -3.05
CA ALA A 102 16.74 -3.10 -2.97
C ALA A 102 17.36 -3.34 -1.59
N LYS A 103 18.62 -3.76 -1.58
CA LYS A 103 19.38 -3.87 -0.33
C LYS A 103 19.43 -2.52 0.37
N PRO A 104 19.56 -2.53 1.70
CA PRO A 104 19.72 -1.28 2.46
C PRO A 104 20.91 -0.50 1.92
N GLY A 105 20.75 0.81 1.74
CA GLY A 105 21.81 1.65 1.21
C GLY A 105 21.77 1.74 -0.31
N HIS A 106 20.87 0.98 -0.93
CA HIS A 106 20.80 0.96 -2.38
C HIS A 106 19.46 1.43 -2.92
N SER A 107 18.59 1.91 -2.04
CA SER A 107 17.34 2.53 -2.47
C SER A 107 17.50 4.03 -2.65
N GLU A 108 16.99 4.53 -3.77
CA GLU A 108 17.05 5.96 -4.09
C GLU A 108 16.30 6.79 -3.06
N HIS A 109 15.33 6.18 -2.38
CA HIS A 109 14.53 6.88 -1.37
C HIS A 109 15.37 7.41 -0.21
N GLN A 110 16.53 6.79 0.02
CA GLN A 110 17.43 7.23 1.10
C GLN A 110 18.12 8.55 0.75
N THR A 111 18.09 8.94 -0.52
CA THR A 111 18.71 10.21 -0.92
C THR A 111 17.88 11.42 -0.54
N GLY A 112 16.60 11.21 -0.25
CA GLY A 112 15.70 12.34 -0.05
C GLY A 112 15.43 13.09 -1.35
N LEU A 113 15.80 12.51 -2.49
CA LEU A 113 15.56 13.17 -3.78
C LEU A 113 14.46 12.51 -4.58
N THR A 114 13.79 11.52 -3.99
CA THR A 114 12.80 10.74 -4.71
CA THR A 114 12.78 10.77 -4.73
C THR A 114 11.46 10.70 -4.00
N MET A 115 10.37 10.86 -4.74
CA MET A 115 9.04 10.82 -4.18
C MET A 115 8.21 9.85 -5.01
N ASP A 116 7.51 8.94 -4.33
CA ASP A 116 6.51 8.14 -5.01
C ASP A 116 5.23 8.98 -5.04
N VAL A 117 4.64 9.09 -6.21
CA VAL A 117 3.42 9.86 -6.33
CA VAL A 117 3.45 9.91 -6.43
C VAL A 117 2.33 9.06 -7.03
N SER A 118 1.08 9.38 -6.72
CA SER A 118 -0.03 8.70 -7.36
C SER A 118 -1.22 9.63 -7.49
N SER A 119 -2.40 9.07 -7.73
CA SER A 119 -3.58 9.89 -7.90
C SER A 119 -4.80 9.14 -7.40
N LYS A 120 -5.85 9.89 -7.11
CA LYS A 120 -7.08 9.29 -6.60
C LYS A 120 -7.66 8.29 -7.62
N SER A 121 -7.52 8.62 -8.91
CA SER A 121 -7.94 7.71 -9.99
C SER A 121 -7.21 6.37 -9.93
N ALA A 122 -6.08 6.31 -9.22
CA ALA A 122 -5.35 5.06 -9.04
C ALA A 122 -5.36 4.62 -7.57
N ASN A 123 -6.37 5.11 -6.82
CA ASN A 123 -6.47 4.86 -5.37
C ASN A 123 -5.25 5.28 -4.53
N ASN A 124 -4.47 6.23 -5.06
CA ASN A 124 -3.22 6.68 -4.43
C ASN A 124 -2.24 5.55 -4.18
N GLU A 125 -2.39 4.47 -4.93
CA GLU A 125 -1.52 3.31 -4.78
C GLU A 125 -0.39 3.28 -5.80
N LEU A 126 0.71 2.63 -5.45
CA LEU A 126 1.89 2.58 -6.31
C LEU A 126 1.77 1.30 -7.14
N GLU A 127 0.94 1.35 -8.18
CA GLU A 127 0.71 0.17 -9.00
C GLU A 127 0.81 0.56 -10.47
N LEU A 128 0.91 -0.44 -11.34
CA LEU A 128 1.04 -0.20 -12.77
C LEU A 128 -0.16 0.52 -13.35
N THR A 129 -1.33 0.36 -12.72
CA THR A 129 -2.53 1.04 -13.19
C THR A 129 -2.37 2.57 -13.23
N PHE A 130 -1.49 3.11 -12.39
CA PHE A 130 -1.27 4.55 -12.39
C PHE A 130 -0.85 5.05 -13.78
N ALA A 131 -0.13 4.21 -14.51
CA ALA A 131 0.36 4.59 -15.83
C ALA A 131 -0.77 4.86 -16.82
N ASN A 132 -1.92 4.23 -16.61
CA ASN A 132 -3.02 4.38 -17.56
C ASN A 132 -4.01 5.48 -17.18
N THR A 133 -3.70 6.22 -16.13
CA THR A 133 -4.55 7.33 -15.72
C THR A 133 -4.07 8.59 -16.43
N LYS A 134 -4.94 9.59 -16.56
CA LYS A 134 -4.51 10.86 -17.13
C LYS A 134 -3.39 11.46 -16.29
N GLU A 135 -3.40 11.21 -14.98
CA GLU A 135 -2.39 11.78 -14.12
C GLU A 135 -1.02 11.13 -14.35
N GLY A 136 -1.00 9.81 -14.46
CA GLY A 136 0.24 9.10 -14.74
C GLY A 136 0.80 9.46 -16.11
N LYS A 137 -0.08 9.62 -17.09
CA LYS A 137 0.35 10.00 -18.43
C LYS A 137 0.92 11.41 -18.41
N TRP A 138 0.28 12.30 -17.65
CA TRP A 138 0.77 13.68 -17.58
C TRP A 138 2.13 13.71 -16.89
N LEU A 139 2.26 12.95 -15.81
CA LEU A 139 3.51 12.93 -15.07
C LEU A 139 4.66 12.50 -15.97
N LYS A 140 4.42 11.47 -16.76
CA LYS A 140 5.44 10.92 -17.65
C LYS A 140 6.01 11.98 -18.60
N GLU A 141 5.13 12.84 -19.12
CA GLU A 141 5.54 13.83 -20.10
C GLU A 141 5.89 15.21 -19.52
N ASN A 142 5.66 15.40 -18.23
CA ASN A 142 5.87 16.73 -17.64
C ASN A 142 6.80 16.80 -16.44
N ALA A 143 7.21 15.65 -15.92
CA ALA A 143 8.06 15.64 -14.72
C ALA A 143 9.32 16.49 -14.88
N HIS A 144 9.84 16.50 -16.11
CA HIS A 144 11.10 17.21 -16.37
C HIS A 144 10.96 18.72 -16.20
N ARG A 145 9.74 19.24 -16.32
CA ARG A 145 9.52 20.68 -16.13
C ARG A 145 9.90 21.14 -14.72
N ALA A 146 10.00 20.20 -13.78
CA ALA A 146 10.42 20.57 -12.43
C ALA A 146 11.71 19.86 -12.02
N GLY A 147 12.48 19.37 -13.00
CA GLY A 147 13.74 18.71 -12.70
C GLY A 147 13.62 17.26 -12.27
N PHE A 148 12.48 16.63 -12.53
CA PHE A 148 12.28 15.21 -12.19
C PHE A 148 12.33 14.29 -13.40
N ILE A 149 12.78 13.06 -13.20
CA ILE A 149 12.69 12.05 -14.25
C ILE A 149 11.91 10.85 -13.72
N ILE A 150 11.32 10.06 -14.64
CA ILE A 150 10.80 8.77 -14.22
C ILE A 150 12.01 7.84 -14.20
N ARG A 151 12.39 7.41 -13.00
CA ARG A 151 13.67 6.75 -12.78
C ARG A 151 13.76 5.39 -13.47
N TYR A 152 12.64 4.66 -13.45
CA TYR A 152 12.61 3.32 -14.01
C TYR A 152 11.53 3.22 -15.10
N PRO A 153 11.86 3.68 -16.31
CA PRO A 153 10.89 3.69 -17.42
C PRO A 153 10.66 2.29 -17.96
N LYS A 154 9.58 2.13 -18.71
CA LYS A 154 9.23 0.83 -19.27
C LYS A 154 10.28 0.40 -20.28
N GLY A 155 10.67 -0.87 -20.24
CA GLY A 155 11.59 -1.41 -21.23
C GLY A 155 13.06 -1.19 -20.90
N LYS A 156 13.32 -0.49 -19.80
CA LYS A 156 14.70 -0.20 -19.40
C LYS A 156 15.15 -1.04 -18.20
N GLU A 157 14.43 -2.13 -17.93
CA GLU A 157 14.72 -3.00 -16.78
C GLU A 157 16.16 -3.51 -16.76
N SER A 158 16.66 -3.94 -17.92
CA SER A 158 18.01 -4.47 -18.03
C SER A 158 19.08 -3.42 -17.69
N ILE A 159 18.72 -2.15 -17.81
CA ILE A 159 19.65 -1.06 -17.54
C ILE A 159 19.56 -0.57 -16.09
N THR A 160 18.34 -0.28 -15.64
CA THR A 160 18.13 0.27 -14.31
C THR A 160 18.08 -0.81 -13.23
N GLY A 161 17.78 -2.03 -13.64
CA GLY A 161 17.64 -3.13 -12.69
C GLY A 161 16.24 -3.20 -12.09
N TYR A 162 15.34 -2.34 -12.57
CA TYR A 162 13.99 -2.30 -12.02
C TYR A 162 12.93 -2.40 -13.10
N ALA A 163 11.84 -3.11 -12.80
CA ALA A 163 10.66 -3.10 -13.65
C ALA A 163 10.05 -1.70 -13.65
N TYR A 164 9.24 -1.42 -14.65
CA TYR A 164 8.59 -0.12 -14.83
C TYR A 164 7.93 0.39 -13.54
N GLU A 165 8.26 1.61 -13.12
CA GLU A 165 7.58 2.24 -11.98
C GLU A 165 7.08 3.62 -12.37
N PRO A 166 5.85 3.72 -12.91
CA PRO A 166 5.35 5.04 -13.34
C PRO A 166 5.09 6.00 -12.20
N TRP A 167 5.12 5.53 -10.96
CA TRP A 167 4.85 6.38 -9.79
C TRP A 167 6.10 6.98 -9.17
N HIS A 168 7.27 6.52 -9.58
CA HIS A 168 8.51 6.82 -8.85
C HIS A 168 9.31 7.90 -9.57
N ILE A 169 9.37 9.10 -9.01
CA ILE A 169 10.12 10.19 -9.66
C ILE A 169 11.33 10.63 -8.86
N ARG A 170 12.42 10.92 -9.56
CA ARG A 170 13.69 11.30 -8.95
C ARG A 170 14.10 12.71 -9.39
N TYR A 171 14.40 13.56 -8.42
CA TYR A 171 14.83 14.91 -8.74
C TYR A 171 16.32 14.88 -9.09
N VAL A 172 16.64 15.39 -10.28
CA VAL A 172 18.03 15.52 -10.71
C VAL A 172 18.37 16.94 -11.13
N GLY A 173 17.41 17.85 -11.09
CA GLY A 173 17.68 19.21 -11.51
C GLY A 173 17.65 19.40 -13.02
N ASP A 174 18.45 20.35 -13.52
CA ASP A 174 18.35 20.79 -14.91
C ASP A 174 18.61 19.72 -15.99
N ILE A 175 19.37 18.67 -15.64
CA ILE A 175 19.66 17.62 -16.63
C ILE A 175 18.42 16.77 -16.95
N ALA A 176 17.37 16.90 -16.16
CA ALA A 176 16.14 16.15 -16.41
C ALA A 176 15.60 16.40 -17.82
N GLU A 177 15.72 17.63 -18.30
CA GLU A 177 15.14 18.00 -19.58
C GLU A 177 15.85 17.26 -20.73
N SER A 178 17.17 17.16 -20.62
CA SER A 178 17.97 16.46 -21.61
C SER A 178 17.71 14.95 -21.54
N ILE A 179 17.67 14.43 -20.32
CA ILE A 179 17.36 13.02 -20.11
C ILE A 179 15.98 12.67 -20.68
N TYR A 180 14.99 13.51 -20.42
CA TYR A 180 13.66 13.29 -20.97
C TYR A 180 13.67 13.32 -22.49
N LYS A 181 14.26 14.37 -23.05
CA LYS A 181 14.24 14.57 -24.50
C LYS A 181 14.96 13.45 -25.24
N LYS A 182 16.01 12.91 -24.63
CA LYS A 182 16.81 11.87 -25.26
C LYS A 182 16.34 10.45 -24.91
N LYS A 183 15.28 10.40 -24.09
CA LYS A 183 14.69 9.13 -23.66
C LYS A 183 15.73 8.22 -23.02
N LEU A 184 16.48 8.78 -22.06
CA LEU A 184 17.57 8.06 -21.43
C LEU A 184 17.26 7.68 -19.99
N THR A 185 18.02 6.74 -19.45
CA THR A 185 18.02 6.46 -18.02
C THR A 185 19.13 7.28 -17.39
N LEU A 186 19.13 7.40 -16.07
CA LEU A 186 20.20 8.15 -15.41
C LEU A 186 21.53 7.43 -15.64
N GLU A 187 21.50 6.10 -15.59
CA GLU A 187 22.68 5.28 -15.86
C GLU A 187 23.32 5.62 -17.21
N GLU A 188 22.49 5.61 -18.27
CA GLU A 188 22.99 5.91 -19.61
C GLU A 188 23.57 7.33 -19.70
N TYR A 189 22.85 8.29 -19.14
CA TYR A 189 23.32 9.68 -19.16
C TYR A 189 24.71 9.81 -18.52
N MET A 190 24.94 9.03 -17.48
CA MET A 190 26.20 9.08 -16.71
C MET A 190 27.27 8.12 -17.24
N ASN A 191 27.03 7.50 -18.38
CA ASN A 191 27.98 6.57 -19.00
C ASN A 191 28.31 5.36 -18.13
N LEU A 192 27.33 4.88 -17.38
CA LEU A 192 27.51 3.70 -16.53
C LEU A 192 26.88 2.47 -17.17
N SER B 1 -19.10 -26.90 -7.08
CA SER B 1 -19.18 -25.64 -7.82
C SER B 1 -18.03 -24.70 -7.47
N ASN B 2 -17.70 -23.82 -8.41
CA ASN B 2 -16.68 -22.80 -8.15
C ASN B 2 -17.34 -21.47 -7.80
N ALA B 3 -18.66 -21.51 -7.61
CA ALA B 3 -19.43 -20.32 -7.27
C ALA B 3 -19.89 -20.40 -5.82
N ALA B 4 -19.54 -19.39 -5.03
CA ALA B 4 -20.01 -19.35 -3.65
C ALA B 4 -21.53 -19.31 -3.58
N SER B 5 -22.11 -20.17 -2.74
CA SER B 5 -23.54 -20.17 -2.50
C SER B 5 -23.87 -19.03 -1.52
N SER B 6 -25.12 -18.54 -1.57
CA SER B 6 -25.57 -17.44 -0.71
C SER B 6 -24.54 -16.32 -0.68
N PHE B 7 -24.11 -15.86 -1.85
CA PHE B 7 -22.96 -14.98 -1.95
C PHE B 7 -23.09 -13.67 -1.17
N ALA B 8 -24.33 -13.24 -0.91
CA ALA B 8 -24.54 -11.95 -0.25
C ALA B 8 -24.72 -12.10 1.26
N SER B 9 -24.60 -13.34 1.74
CA SER B 9 -24.80 -13.61 3.17
C SER B 9 -23.64 -13.09 4.03
N VAL B 10 -23.97 -12.68 5.24
CA VAL B 10 -22.94 -12.26 6.20
C VAL B 10 -22.06 -13.46 6.56
N GLN B 11 -22.57 -14.67 6.33
CA GLN B 11 -21.80 -15.88 6.64
CA GLN B 11 -21.82 -15.89 6.64
C GLN B 11 -21.31 -16.59 5.38
N ALA B 12 -21.33 -15.89 4.25
CA ALA B 12 -20.85 -16.46 2.99
C ALA B 12 -19.39 -16.91 3.08
N VAL B 13 -19.06 -17.99 2.38
CA VAL B 13 -17.69 -18.46 2.34
C VAL B 13 -17.09 -18.24 0.96
N VAL B 14 -16.09 -17.37 0.89
CA VAL B 14 -15.43 -17.01 -0.35
C VAL B 14 -13.98 -17.35 -0.21
N ASN B 15 -13.47 -18.19 -1.10
CA ASN B 15 -12.08 -18.61 -1.01
C ASN B 15 -11.61 -19.06 -2.37
N LYS B 16 -10.46 -19.74 -2.43
CA LYS B 16 -9.89 -20.15 -3.72
C LYS B 16 -10.79 -21.09 -4.52
N GLU B 17 -11.63 -21.84 -3.81
CA GLU B 17 -12.56 -22.73 -4.51
C GLU B 17 -13.85 -22.00 -4.86
N TYR B 18 -14.38 -21.22 -3.92
CA TYR B 18 -15.69 -20.62 -4.08
C TYR B 18 -15.61 -19.14 -4.39
N GLY B 19 -15.99 -18.76 -5.61
CA GLY B 19 -15.88 -17.38 -6.03
C GLY B 19 -17.21 -16.62 -6.00
N LEU B 20 -17.12 -15.30 -5.91
CA LEU B 20 -18.27 -14.41 -5.95
C LEU B 20 -18.67 -14.11 -7.40
N PRO B 21 -19.93 -13.68 -7.61
CA PRO B 21 -20.29 -13.24 -8.95
C PRO B 21 -19.43 -12.06 -9.35
N GLU B 22 -19.04 -11.99 -10.62
CA GLU B 22 -18.12 -10.92 -11.05
C GLU B 22 -18.80 -9.57 -10.96
N ASP B 23 -20.13 -9.56 -11.03
CA ASP B 23 -20.85 -8.28 -11.00
C ASP B 23 -21.42 -7.99 -9.60
N TYR B 24 -20.91 -8.67 -8.58
CA TYR B 24 -21.41 -8.42 -7.22
C TYR B 24 -20.70 -7.29 -6.51
N LYS B 25 -21.46 -6.26 -6.15
CA LYS B 25 -21.00 -5.21 -5.26
C LYS B 25 -22.10 -4.97 -4.27
N PRO B 26 -21.79 -5.03 -2.96
CA PRO B 26 -22.88 -4.89 -1.98
C PRO B 26 -23.55 -3.52 -2.11
N GLU B 27 -24.85 -3.46 -1.83
CA GLU B 27 -25.60 -2.22 -2.01
C GLU B 27 -25.62 -1.34 -0.75
N ASP B 28 -25.08 -1.86 0.36
CA ASP B 28 -25.15 -1.11 1.62
C ASP B 28 -23.77 -0.71 2.14
N LEU B 29 -22.88 -0.34 1.22
CA LEU B 29 -21.52 0.06 1.59
C LEU B 29 -21.49 1.45 2.24
N VAL B 30 -20.80 1.56 3.37
CA VAL B 30 -20.60 2.84 4.03
C VAL B 30 -19.18 2.93 4.59
N VAL B 31 -18.74 4.14 4.92
CA VAL B 31 -17.43 4.35 5.53
C VAL B 31 -17.59 4.34 7.04
N PRO B 32 -16.97 3.36 7.71
CA PRO B 32 -17.03 3.34 9.18
C PRO B 32 -16.33 4.55 9.78
N ASN B 33 -16.88 5.09 10.86
CA ASN B 33 -16.28 6.22 11.54
C ASN B 33 -15.11 5.77 12.42
N VAL B 34 -13.97 5.47 11.78
CA VAL B 34 -12.76 4.99 12.50
C VAL B 34 -11.53 5.66 11.88
N PRO B 35 -10.38 5.65 12.61
CA PRO B 35 -9.18 6.20 11.96
C PRO B 35 -8.68 5.27 10.86
N PHE B 36 -8.20 5.84 9.76
CA PHE B 36 -7.63 5.07 8.65
C PHE B 36 -6.13 5.39 8.48
N SER B 37 -5.40 4.47 7.88
CA SER B 37 -3.95 4.65 7.67
C SER B 37 -3.70 5.49 6.42
N PHE B 38 -4.77 5.78 5.68
CA PHE B 38 -4.64 6.58 4.47
C PHE B 38 -5.68 7.67 4.51
N SER B 39 -5.48 8.73 3.74
CA SER B 39 -6.38 9.87 3.74
C SER B 39 -7.31 9.80 2.54
N GLY B 40 -8.45 10.48 2.64
CA GLY B 40 -9.39 10.52 1.54
C GLY B 40 -10.40 9.38 1.58
N THR B 41 -11.42 9.51 0.74
CA THR B 41 -12.42 8.45 0.63
C THR B 41 -12.19 7.69 -0.65
N LEU B 42 -11.92 6.39 -0.53
CA LEU B 42 -11.62 5.56 -1.68
C LEU B 42 -12.43 4.29 -1.56
N GLU B 43 -12.43 3.47 -2.60
CA GLU B 43 -13.17 2.21 -2.58
C GLU B 43 -12.90 1.39 -1.30
N LYS B 44 -11.62 1.32 -0.91
CA LYS B 44 -11.20 0.57 0.29
C LYS B 44 -11.58 1.21 1.63
N SER B 45 -12.23 2.38 1.59
CA SER B 45 -12.76 3.02 2.80
C SER B 45 -14.04 2.34 3.30
N TYR B 46 -14.67 1.55 2.44
CA TYR B 46 -16.04 1.10 2.70
C TYR B 46 -16.13 -0.31 3.25
N LEU B 47 -17.20 -0.54 4.01
CA LEU B 47 -17.67 -1.85 4.44
C LEU B 47 -19.18 -1.85 4.34
N ARG B 48 -19.80 -3.02 4.21
CA ARG B 48 -21.24 -3.13 4.36
C ARG B 48 -21.64 -2.57 5.71
N LYS B 49 -22.82 -1.96 5.77
CA LYS B 49 -23.32 -1.30 6.96
C LYS B 49 -23.14 -2.09 8.27
N GLU B 50 -23.54 -3.35 8.28
CA GLU B 50 -23.46 -4.14 9.53
C GLU B 50 -22.01 -4.34 9.98
N ALA B 51 -21.11 -4.54 9.02
CA ALA B 51 -19.70 -4.73 9.33
C ALA B 51 -19.05 -3.41 9.73
N ALA B 52 -19.52 -2.33 9.12
CA ALA B 52 -18.96 -1.02 9.44
C ALA B 52 -19.30 -0.63 10.88
N GLU B 53 -20.53 -0.89 11.30
CA GLU B 53 -20.92 -0.53 12.66
C GLU B 53 -20.21 -1.44 13.66
N ALA B 54 -20.00 -2.70 13.27
CA ALA B 54 -19.25 -3.64 14.09
C ALA B 54 -17.81 -3.19 14.24
N LEU B 55 -17.20 -2.74 13.15
CA LEU B 55 -15.81 -2.26 13.22
C LEU B 55 -15.70 -1.09 14.18
N GLU B 56 -16.68 -0.19 14.15
CA GLU B 56 -16.69 0.94 15.08
C GLU B 56 -16.74 0.45 16.53
N ARG B 57 -17.56 -0.56 16.77
CA ARG B 57 -17.68 -1.10 18.12
C ARG B 57 -16.36 -1.75 18.53
N LEU B 58 -15.75 -2.48 17.59
CA LEU B 58 -14.47 -3.13 17.85
C LEU B 58 -13.40 -2.10 18.22
N PHE B 59 -13.30 -1.01 17.45
CA PHE B 59 -12.29 0.00 17.73
C PHE B 59 -12.55 0.71 19.06
N ASP B 60 -13.82 0.82 19.42
CA ASP B 60 -14.19 1.43 20.69
C ASP B 60 -13.82 0.52 21.86
N LEU B 61 -14.03 -0.79 21.71
CA LEU B 61 -13.63 -1.73 22.76
C LEU B 61 -12.12 -1.67 22.92
N ALA B 62 -11.41 -1.62 21.79
CA ALA B 62 -9.95 -1.51 21.79
C ALA B 62 -9.49 -0.27 22.55
N ASN B 63 -10.04 0.89 22.18
CA ASN B 63 -9.69 2.16 22.85
C ASN B 63 -9.84 2.12 24.38
N LYS B 64 -10.88 1.46 24.86
CA LYS B 64 -11.11 1.36 26.30
C LYS B 64 -9.98 0.61 26.99
N GLU B 65 -9.23 -0.18 26.24
CA GLU B 65 -8.09 -0.90 26.80
C GLU B 65 -6.77 -0.30 26.34
N GLY B 66 -6.84 0.92 25.81
CA GLY B 66 -5.65 1.64 25.37
C GLY B 66 -5.07 1.08 24.08
N ILE B 67 -5.89 0.35 23.33
CA ILE B 67 -5.45 -0.23 22.07
C ILE B 67 -5.91 0.64 20.90
N GLN B 68 -4.96 1.17 20.14
CA GLN B 68 -5.28 2.05 19.00
C GLN B 68 -5.12 1.32 17.67
N LEU B 69 -6.25 0.93 17.07
CA LEU B 69 -6.22 0.26 15.78
C LEU B 69 -6.42 1.25 14.63
N ASN B 70 -5.85 0.97 13.47
CA ASN B 70 -6.13 1.72 12.26
C ASN B 70 -6.67 0.80 11.17
N ALA B 71 -7.69 1.28 10.44
CA ALA B 71 -8.22 0.55 9.28
C ALA B 71 -7.34 0.83 8.07
N VAL B 72 -6.97 -0.23 7.35
CA VAL B 72 -6.05 -0.10 6.22
C VAL B 72 -6.73 -0.32 4.87
N SER B 73 -7.58 -1.35 4.76
CA SER B 73 -8.34 -1.53 3.52
C SER B 73 -9.52 -2.47 3.68
N GLY B 74 -10.70 -1.99 3.27
CA GLY B 74 -11.94 -2.75 3.35
C GLY B 74 -12.37 -3.28 1.99
N PHE B 75 -13.46 -2.74 1.46
CA PHE B 75 -14.00 -3.23 0.20
C PHE B 75 -13.00 -3.14 -0.96
N ARG B 76 -12.89 -4.21 -1.74
CA ARG B 76 -12.13 -4.20 -2.98
C ARG B 76 -13.01 -4.85 -4.06
N SER B 77 -13.30 -4.11 -5.12
CA SER B 77 -14.20 -4.63 -6.16
C SER B 77 -13.55 -5.74 -6.97
N TYR B 78 -14.38 -6.47 -7.71
CA TYR B 78 -13.91 -7.48 -8.66
C TYR B 78 -12.94 -6.84 -9.65
N ASP B 79 -13.33 -5.71 -10.22
CA ASP B 79 -12.49 -5.05 -11.23
C ASP B 79 -11.13 -4.62 -10.68
N TYR B 80 -11.11 -4.16 -9.43
CA TYR B 80 -9.83 -3.81 -8.81
C TYR B 80 -8.97 -5.05 -8.68
N GLN B 81 -9.57 -6.12 -8.16
CA GLN B 81 -8.87 -7.37 -7.93
C GLN B 81 -8.29 -7.93 -9.23
N LYS B 82 -9.00 -7.69 -10.33
CA LYS B 82 -8.61 -8.25 -11.61
C LYS B 82 -7.27 -7.68 -12.09
N LYS B 83 -7.06 -6.38 -11.90
CA LYS B 83 -5.83 -5.74 -12.33
C LYS B 83 -4.69 -6.03 -11.36
N LEU B 84 -5.02 -6.09 -10.08
CA LEU B 84 -4.03 -6.42 -9.06
C LEU B 84 -3.48 -7.83 -9.31
N TYR B 85 -4.36 -8.75 -9.67
CA TYR B 85 -3.95 -10.12 -9.96
C TYR B 85 -3.08 -10.17 -11.21
N ALA B 86 -3.52 -9.53 -12.27
CA ALA B 86 -2.78 -9.49 -13.53
C ALA B 86 -1.40 -8.84 -13.37
N ASN B 87 -1.34 -7.73 -12.63
CA ASN B 87 -0.08 -6.99 -12.47
C ASN B 87 0.82 -7.54 -11.35
N ASN B 88 0.45 -8.68 -10.80
CA ASN B 88 1.29 -9.38 -9.83
C ASN B 88 1.71 -10.74 -10.35
N VAL B 89 1.13 -11.13 -11.48
CA VAL B 89 1.48 -12.37 -12.17
C VAL B 89 2.42 -12.07 -13.35
N LYS B 90 2.54 -10.80 -13.70
CA LYS B 90 3.46 -10.36 -14.76
C LYS B 90 4.75 -9.80 -14.18
N ARG B 99 -0.79 -13.11 1.30
CA ARG B 99 -0.59 -13.47 -0.10
C ARG B 99 -1.45 -12.61 -1.03
N PHE B 100 -0.84 -12.18 -2.14
CA PHE B 100 -1.52 -11.43 -3.20
C PHE B 100 -2.09 -12.43 -4.19
N SER B 101 -2.40 -13.62 -3.68
CA SER B 101 -2.65 -14.78 -4.52
C SER B 101 -4.08 -14.89 -5.05
N ALA B 102 -4.98 -14.10 -4.48
CA ALA B 102 -6.41 -14.24 -4.78
C ALA B 102 -6.78 -13.82 -6.20
N LYS B 103 -7.32 -14.76 -6.97
CA LYS B 103 -7.88 -14.45 -8.29
C LYS B 103 -9.10 -13.55 -8.10
N PRO B 104 -9.43 -12.75 -9.15
CA PRO B 104 -10.61 -11.88 -9.07
C PRO B 104 -11.86 -12.72 -8.77
N GLY B 105 -12.70 -12.24 -7.87
CA GLY B 105 -13.88 -12.99 -7.47
C GLY B 105 -13.64 -13.84 -6.23
N HIS B 106 -12.37 -14.11 -5.94
CA HIS B 106 -12.05 -15.04 -4.85
C HIS B 106 -11.44 -14.37 -3.64
N SER B 107 -11.37 -13.03 -3.66
CA SER B 107 -10.97 -12.33 -2.44
C SER B 107 -12.20 -11.99 -1.61
N GLU B 108 -12.10 -12.29 -0.32
CA GLU B 108 -13.11 -11.95 0.65
C GLU B 108 -13.34 -10.43 0.75
N HIS B 109 -12.36 -9.62 0.31
CA HIS B 109 -12.52 -8.17 0.37
C HIS B 109 -13.68 -7.68 -0.49
N GLN B 110 -14.04 -8.48 -1.49
CA GLN B 110 -15.15 -8.10 -2.37
C GLN B 110 -16.50 -8.22 -1.65
N THR B 111 -16.53 -8.90 -0.51
CA THR B 111 -17.81 -9.05 0.19
C THR B 111 -18.20 -7.80 0.94
N GLY B 112 -17.25 -6.89 1.17
CA GLY B 112 -17.52 -5.74 2.02
C GLY B 112 -17.64 -6.11 3.51
N LEU B 113 -17.19 -7.30 3.87
CA LEU B 113 -17.33 -7.76 5.27
C LEU B 113 -15.98 -7.89 5.92
N THR B 114 -14.95 -7.49 5.18
CA THR B 114 -13.58 -7.77 5.56
C THR B 114 -12.76 -6.47 5.63
N MET B 115 -12.02 -6.29 6.72
CA MET B 115 -11.17 -5.11 6.88
C MET B 115 -9.77 -5.53 7.28
N ASP B 116 -8.77 -5.01 6.58
CA ASP B 116 -7.39 -5.19 7.02
C ASP B 116 -7.12 -4.08 8.02
N VAL B 117 -6.54 -4.44 9.16
CA VAL B 117 -6.28 -3.47 10.20
CA VAL B 117 -6.31 -3.53 10.27
C VAL B 117 -4.84 -3.58 10.66
N SER B 118 -4.29 -2.49 11.16
CA SER B 118 -2.94 -2.51 11.68
C SER B 118 -2.80 -1.49 12.79
N SER B 119 -1.58 -1.11 13.09
CA SER B 119 -1.33 -0.18 14.18
C SER B 119 -0.04 0.57 13.93
N LYS B 120 0.08 1.74 14.56
CA LYS B 120 1.27 2.54 14.41
C LYS B 120 2.51 1.77 14.89
N SER B 121 2.34 0.98 15.94
CA SER B 121 3.44 0.15 16.46
C SER B 121 3.97 -0.83 15.39
N ALA B 122 3.17 -1.10 14.37
CA ALA B 122 3.61 -1.88 13.22
C ALA B 122 3.70 -1.01 11.96
N ASN B 123 3.79 0.30 12.17
CA ASN B 123 3.82 1.29 11.09
C ASN B 123 2.66 1.16 10.11
N ASN B 124 1.52 0.70 10.62
CA ASN B 124 0.30 0.49 9.82
C ASN B 124 0.46 -0.47 8.64
N GLU B 125 1.42 -1.37 8.75
CA GLU B 125 1.69 -2.31 7.66
C GLU B 125 0.97 -3.63 7.85
N LEU B 126 0.70 -4.32 6.74
CA LEU B 126 0.03 -5.61 6.77
C LEU B 126 1.09 -6.71 6.69
N GLU B 127 1.80 -6.91 7.80
CA GLU B 127 2.89 -7.88 7.88
C GLU B 127 2.80 -8.68 9.18
N LEU B 128 3.57 -9.76 9.27
CA LEU B 128 3.60 -10.61 10.47
C LEU B 128 3.96 -9.84 11.73
N THR B 129 4.69 -8.73 11.56
CA THR B 129 5.12 -7.91 12.68
C THR B 129 3.95 -7.40 13.51
N PHE B 130 2.80 -7.22 12.88
CA PHE B 130 1.59 -6.81 13.59
C PHE B 130 1.28 -7.83 14.70
N ALA B 131 1.53 -9.10 14.43
CA ALA B 131 1.23 -10.15 15.40
C ALA B 131 2.04 -9.99 16.68
N ASN B 132 3.22 -9.38 16.58
CA ASN B 132 4.10 -9.23 17.74
C ASN B 132 3.81 -7.99 18.57
N THR B 133 2.86 -7.18 18.13
CA THR B 133 2.51 -5.95 18.84
C THR B 133 1.40 -6.19 19.86
N LYS B 134 1.31 -5.31 20.86
CA LYS B 134 0.24 -5.37 21.84
C LYS B 134 -1.11 -5.30 21.13
N GLU B 135 -1.18 -4.45 20.10
CA GLU B 135 -2.41 -4.30 19.33
C GLU B 135 -2.81 -5.58 18.59
N GLY B 136 -1.83 -6.24 17.98
CA GLY B 136 -2.12 -7.46 17.22
C GLY B 136 -2.59 -8.59 18.13
N LYS B 137 -1.89 -8.74 19.25
CA LYS B 137 -2.27 -9.77 20.22
C LYS B 137 -3.65 -9.48 20.79
N TRP B 138 -3.94 -8.21 21.09
CA TRP B 138 -5.26 -7.85 21.58
C TRP B 138 -6.34 -8.23 20.57
N LEU B 139 -6.06 -7.96 19.30
CA LEU B 139 -7.02 -8.21 18.25
C LEU B 139 -7.31 -9.69 18.12
N LYS B 140 -6.27 -10.51 18.22
CA LYS B 140 -6.42 -11.96 18.15
C LYS B 140 -7.44 -12.48 19.17
N GLU B 141 -7.40 -11.91 20.37
CA GLU B 141 -8.20 -12.44 21.46
C GLU B 141 -9.52 -11.71 21.66
N ASN B 142 -9.73 -10.61 20.95
CA ASN B 142 -10.90 -9.77 21.21
C ASN B 142 -11.79 -9.49 20.00
N ALA B 143 -11.32 -9.84 18.81
CA ALA B 143 -12.08 -9.55 17.60
C ALA B 143 -13.51 -10.12 17.66
N HIS B 144 -13.66 -11.27 18.32
CA HIS B 144 -14.96 -11.97 18.32
C HIS B 144 -16.01 -11.18 19.12
N ARG B 145 -15.53 -10.33 20.02
CA ARG B 145 -16.43 -9.50 20.84
C ARG B 145 -17.24 -8.50 20.00
N ALA B 146 -16.82 -8.26 18.76
CA ALA B 146 -17.57 -7.41 17.85
C ALA B 146 -18.03 -8.16 16.60
N GLY B 147 -17.97 -9.50 16.64
CA GLY B 147 -18.45 -10.33 15.54
C GLY B 147 -17.43 -10.60 14.43
N PHE B 148 -16.15 -10.39 14.72
CA PHE B 148 -15.08 -10.58 13.75
C PHE B 148 -14.23 -11.82 14.06
N ILE B 149 -13.71 -12.45 13.01
CA ILE B 149 -12.73 -13.52 13.19
C ILE B 149 -11.45 -13.16 12.45
N ILE B 150 -10.33 -13.69 12.95
CA ILE B 150 -9.09 -13.68 12.19
C ILE B 150 -9.27 -14.77 11.14
N ARG B 151 -9.45 -14.37 9.89
CA ARG B 151 -9.91 -15.29 8.85
C ARG B 151 -8.87 -16.35 8.51
N TYR B 152 -7.59 -15.98 8.59
CA TYR B 152 -6.50 -16.87 8.22
C TYR B 152 -5.57 -17.04 9.42
N PRO B 153 -5.99 -17.87 10.40
CA PRO B 153 -5.18 -18.00 11.60
C PRO B 153 -3.92 -18.82 11.33
N LYS B 154 -2.97 -18.76 12.25
CA LYS B 154 -1.70 -19.45 12.09
C LYS B 154 -1.87 -20.98 12.07
N GLY B 155 -1.21 -21.64 11.13
CA GLY B 155 -1.23 -23.10 11.07
C GLY B 155 -2.36 -23.70 10.27
N LYS B 156 -3.30 -22.88 9.82
CA LYS B 156 -4.50 -23.38 9.15
C LYS B 156 -4.42 -23.21 7.62
N GLU B 157 -3.21 -23.05 7.10
CA GLU B 157 -2.98 -22.81 5.67
C GLU B 157 -3.62 -23.89 4.79
N SER B 158 -3.50 -25.14 5.21
CA SER B 158 -4.00 -26.28 4.45
C SER B 158 -5.51 -26.21 4.25
N ILE B 159 -6.20 -25.54 5.17
CA ILE B 159 -7.66 -25.43 5.12
C ILE B 159 -8.14 -24.14 4.43
N THR B 160 -7.58 -23.01 4.86
CA THR B 160 -7.99 -21.71 4.34
C THR B 160 -7.35 -21.41 2.98
N GLY B 161 -6.18 -21.98 2.75
CA GLY B 161 -5.41 -21.68 1.55
C GLY B 161 -4.49 -20.49 1.73
N TYR B 162 -4.40 -19.97 2.96
CA TYR B 162 -3.57 -18.79 3.22
C TYR B 162 -2.71 -18.89 4.47
N ALA B 163 -1.51 -18.33 4.38
CA ALA B 163 -0.63 -18.21 5.53
C ALA B 163 -1.21 -17.22 6.53
N TYR B 164 -0.72 -17.27 7.77
CA TYR B 164 -1.17 -16.43 8.86
C TYR B 164 -1.32 -14.97 8.43
N GLU B 165 -2.52 -14.42 8.56
CA GLU B 165 -2.72 -12.99 8.36
C GLU B 165 -3.37 -12.35 9.59
N PRO B 166 -2.55 -11.94 10.58
CA PRO B 166 -3.02 -11.35 11.84
C PRO B 166 -3.73 -10.01 11.65
N TRP B 167 -3.61 -9.43 10.48
CA TRP B 167 -4.16 -8.11 10.18
C TRP B 167 -5.55 -8.17 9.52
N HIS B 168 -5.94 -9.36 9.08
CA HIS B 168 -7.10 -9.49 8.18
C HIS B 168 -8.30 -10.05 8.95
N ILE B 169 -9.29 -9.19 9.21
CA ILE B 169 -10.45 -9.63 9.98
C ILE B 169 -11.72 -9.65 9.14
N ARG B 170 -12.54 -10.68 9.37
CA ARG B 170 -13.76 -10.92 8.63
C ARG B 170 -14.95 -10.83 9.58
N TYR B 171 -15.94 -10.00 9.22
CA TYR B 171 -17.14 -9.92 10.03
C TYR B 171 -18.08 -11.06 9.67
N VAL B 172 -18.52 -11.80 10.69
CA VAL B 172 -19.50 -12.88 10.50
C VAL B 172 -20.64 -12.79 11.49
N GLY B 173 -20.60 -11.82 12.40
CA GLY B 173 -21.67 -11.69 13.37
C GLY B 173 -21.54 -12.60 14.59
N ASP B 174 -22.67 -13.02 15.15
CA ASP B 174 -22.72 -13.79 16.40
C ASP B 174 -21.87 -15.06 16.46
N ILE B 175 -21.72 -15.74 15.33
CA ILE B 175 -20.99 -17.00 15.33
C ILE B 175 -19.49 -16.83 15.60
N ALA B 176 -18.99 -15.60 15.53
CA ALA B 176 -17.57 -15.33 15.78
C ALA B 176 -17.08 -15.89 17.12
N GLU B 177 -17.87 -15.71 18.18
CA GLU B 177 -17.48 -16.18 19.50
C GLU B 177 -17.30 -17.69 19.50
N SER B 178 -18.24 -18.40 18.88
CA SER B 178 -18.17 -19.85 18.81
CA SER B 178 -18.18 -19.85 18.81
C SER B 178 -16.97 -20.31 17.99
N ILE B 179 -16.77 -19.65 16.86
CA ILE B 179 -15.65 -19.99 15.99
C ILE B 179 -14.35 -19.75 16.74
N TYR B 180 -14.27 -18.63 17.45
CA TYR B 180 -13.10 -18.31 18.25
C TYR B 180 -12.83 -19.38 19.32
N LYS B 181 -13.84 -19.66 20.14
CA LYS B 181 -13.67 -20.61 21.24
C LYS B 181 -13.30 -22.01 20.77
N LYS B 182 -13.86 -22.42 19.64
CA LYS B 182 -13.63 -23.78 19.13
C LYS B 182 -12.37 -23.86 18.28
N LYS B 183 -11.74 -22.71 18.03
CA LYS B 183 -10.52 -22.65 17.21
C LYS B 183 -10.75 -23.29 15.84
N LEU B 184 -11.84 -22.89 15.21
CA LEU B 184 -12.19 -23.41 13.89
C LEU B 184 -12.03 -22.33 12.84
N THR B 185 -11.93 -22.75 11.59
CA THR B 185 -11.90 -21.82 10.47
C THR B 185 -13.32 -21.65 10.01
N LEU B 186 -13.60 -20.61 9.21
CA LEU B 186 -14.96 -20.41 8.73
C LEU B 186 -15.40 -21.59 7.87
N GLU B 187 -14.49 -22.12 7.05
CA GLU B 187 -14.79 -23.28 6.20
C GLU B 187 -15.29 -24.46 7.01
N GLU B 188 -14.59 -24.75 8.10
CA GLU B 188 -14.97 -25.88 8.94
C GLU B 188 -16.31 -25.61 9.60
N TYR B 189 -16.48 -24.40 10.13
CA TYR B 189 -17.72 -24.06 10.83
C TYR B 189 -18.94 -24.20 9.93
N MET B 190 -18.76 -23.93 8.63
CA MET B 190 -19.86 -24.00 7.68
C MET B 190 -19.90 -25.31 6.88
N ASN B 191 -19.07 -26.27 7.26
CA ASN B 191 -19.00 -27.57 6.55
C ASN B 191 -18.69 -27.39 5.06
N LEU B 192 -17.68 -26.58 4.76
CA LEU B 192 -17.28 -26.33 3.38
C LEU B 192 -15.78 -26.54 3.16
ZN ZN C . 9.74 4.91 -5.09
CL CL D . 9.36 2.85 -5.17
ZN ZN E . -7.18 -8.51 3.79
CL CL F . -5.34 -9.23 3.01
O43 PE3 G . -16.14 -0.26 -7.41
C42 PE3 G . -16.97 0.08 -6.29
C41 PE3 G . -16.67 1.50 -5.79
O40 PE3 G . -17.56 1.71 -4.68
C39 PE3 G . -17.46 3.00 -4.07
C38 PE3 G . -18.52 2.96 -2.98
O37 PE3 G . -19.73 2.70 -3.69
C36 PE3 G . -20.90 2.61 -2.86
C35 PE3 G . -21.07 3.95 -2.15
O34 PE3 G . -22.24 3.86 -1.31
#